data_5R57
#
_entry.id   5R57
#
_cell.length_a   49.560
_cell.length_b   52.350
_cell.length_c   101.600
_cell.angle_alpha   90.000
_cell.angle_beta   90.000
_cell.angle_gamma   90.000
#
_symmetry.space_group_name_H-M   'P 21 21 21'
#
loop_
_entity.id
_entity.type
_entity.pdbx_description
1 polymer 'Uridine diphosphate glucose pyrophosphatase NUDT22'
2 non-polymer ~{N}-(4-cyanophenyl)ethanamide
3 non-polymer 'DIMETHYL SULFOXIDE'
4 water water
#
_entity_poly.entity_id   1
_entity_poly.type   'polypeptide(L)'
_entity_poly.pdbx_seq_one_letter_code
;SMDPEVTLLLQCPGGGLPQEQIQAELSPAHDRRPLPGGDEAITAIWETRLKAQPWLFDAPKFRLHSATLAPIGSRGPQLL
LRLGLTSYRDFLGTNWSSSAAWLRQQGATDWGDTQAYLADPLGVGAALATADDFLVFLRRSRQVAEAPGLVDVPGGHPEP
QALCPGGSPQHQDLAGQLVVHELFSSVLQEICDEVNLPLLTLSQPLLLGIARNETSAGRASAEFYVQCSLTSEQVRKHYL
SGGPEAHESTGIFFVETQNVRRLPETEMWAELCPSAKGAIILYNRVQGSPTGAALGSPALLPPL
;
_entity_poly.pdbx_strand_id   A
#
# COMPACT_ATOMS: atom_id res chain seq x y z
N ASP A 3 -11.02 14.00 2.15
N ASP A 3 -11.62 13.02 2.63
CA ASP A 3 -9.96 13.25 1.43
CA ASP A 3 -10.49 13.22 1.69
C ASP A 3 -10.60 12.39 0.35
C ASP A 3 -10.75 12.38 0.43
N PRO A 4 -11.15 13.01 -0.71
CA PRO A 4 -11.73 12.25 -1.80
C PRO A 4 -10.71 11.39 -2.53
N GLU A 5 -9.39 11.58 -2.39
CA GLU A 5 -8.48 10.78 -3.22
C GLU A 5 -8.12 9.45 -2.51
N VAL A 6 -8.61 9.21 -1.30
CA VAL A 6 -8.43 7.85 -0.67
C VAL A 6 -9.74 7.30 -0.07
N THR A 7 -10.04 6.03 -0.35
CA THR A 7 -11.20 5.31 0.24
C THR A 7 -10.70 4.08 1.03
N LEU A 8 -11.27 3.77 2.19
CA LEU A 8 -10.91 2.54 2.95
C LEU A 8 -11.72 1.37 2.41
N LEU A 9 -11.06 0.30 1.97
CA LEU A 9 -11.77 -0.94 1.56
C LEU A 9 -11.89 -1.90 2.75
N LEU A 10 -10.91 -1.90 3.65
CA LEU A 10 -10.85 -2.84 4.80
C LEU A 10 -10.20 -2.13 5.99
N GLN A 11 -10.79 -2.21 7.19
CA GLN A 11 -10.17 -1.87 8.50
C GLN A 11 -10.06 -3.18 9.30
N CYS A 12 -8.88 -3.64 9.65
CA CYS A 12 -8.66 -4.91 10.39
C CYS A 12 -9.02 -4.78 11.87
N PRO A 13 -9.50 -5.88 12.46
CA PRO A 13 -9.78 -5.90 13.89
C PRO A 13 -8.57 -6.25 14.72
N GLY A 14 -8.71 -6.16 16.03
CA GLY A 14 -7.74 -6.69 16.99
C GLY A 14 -6.45 -5.90 17.04
N GLY A 15 -6.41 -4.68 16.50
CA GLY A 15 -5.17 -3.90 16.42
C GLY A 15 -4.33 -4.30 15.20
N GLY A 16 -4.84 -5.16 14.31
CA GLY A 16 -4.19 -5.60 13.06
C GLY A 16 -3.99 -7.11 13.01
N LEU A 17 -4.00 -7.68 11.82
CA LEU A 17 -3.89 -9.16 11.68
C LEU A 17 -2.48 -9.64 11.37
N PRO A 18 -2.01 -10.70 12.09
CA PRO A 18 -0.78 -11.37 11.70
C PRO A 18 -0.97 -12.31 10.50
N GLN A 19 0.16 -12.70 9.88
CA GLN A 19 0.22 -13.59 8.71
C GLN A 19 -0.64 -14.87 8.90
N GLU A 20 -0.57 -15.49 10.07
CA GLU A 20 -1.21 -16.83 10.29
C GLU A 20 -2.74 -16.70 10.31
N GLN A 21 -3.32 -15.50 10.34
CA GLN A 21 -4.79 -15.32 10.39
C GLN A 21 -5.36 -14.98 9.01
N ILE A 22 -4.57 -15.01 7.93
CA ILE A 22 -5.01 -14.56 6.60
C ILE A 22 -4.89 -15.72 5.61
N GLN A 23 -5.96 -15.89 4.87
CA GLN A 23 -6.07 -16.84 3.74
C GLN A 23 -6.06 -16.07 2.42
N ALA A 24 -5.43 -16.61 1.38
CA ALA A 24 -5.52 -16.04 0.00
C ALA A 24 -6.11 -17.10 -0.95
N GLU A 25 -6.94 -16.64 -1.88
CA GLU A 25 -7.47 -17.44 -3.01
C GLU A 25 -6.89 -16.74 -4.26
N LEU A 26 -5.89 -17.36 -4.90
CA LEU A 26 -5.28 -16.85 -6.16
C LEU A 26 -5.90 -17.63 -7.32
N SER A 27 -6.70 -16.97 -8.16
CA SER A 27 -7.57 -17.65 -9.17
C SER A 27 -7.69 -16.80 -10.43
N PRO A 28 -7.66 -17.39 -11.65
CA PRO A 28 -7.91 -16.59 -12.87
C PRO A 28 -9.32 -16.00 -12.94
N ALA A 29 -10.27 -16.43 -12.09
CA ALA A 29 -11.59 -15.79 -11.93
C ALA A 29 -11.49 -14.35 -11.35
N HIS A 30 -10.33 -14.01 -10.75
CA HIS A 30 -10.07 -12.73 -10.07
C HIS A 30 -9.24 -11.77 -10.96
N ASP A 31 -9.02 -12.17 -12.21
CA ASP A 31 -8.26 -11.38 -13.19
C ASP A 31 -9.10 -10.23 -13.74
N ARG A 32 -8.43 -9.24 -14.32
CA ARG A 32 -9.10 -8.22 -15.16
C ARG A 32 -9.87 -8.91 -16.31
N ARG A 33 -10.97 -8.30 -16.72
CA ARG A 33 -11.73 -8.73 -17.94
C ARG A 33 -11.07 -8.12 -19.17
N PRO A 34 -11.04 -8.85 -20.31
CA PRO A 34 -10.56 -8.26 -21.57
C PRO A 34 -11.32 -6.96 -21.90
N LEU A 35 -10.64 -5.94 -22.44
CA LEU A 35 -11.29 -4.64 -22.77
C LEU A 35 -12.36 -4.82 -23.85
N PRO A 36 -13.43 -4.00 -23.83
CA PRO A 36 -14.53 -4.12 -24.79
C PRO A 36 -14.14 -4.27 -26.28
N GLY A 37 -13.20 -3.44 -26.72
CA GLY A 37 -12.71 -3.40 -28.12
C GLY A 37 -11.43 -4.20 -28.28
N GLY A 38 -11.04 -4.93 -27.24
CA GLY A 38 -9.89 -5.85 -27.24
C GLY A 38 -8.69 -5.24 -26.52
N ASP A 39 -7.80 -6.12 -26.05
CA ASP A 39 -6.55 -5.70 -25.34
C ASP A 39 -5.50 -5.13 -26.31
N GLU A 40 -5.75 -5.07 -27.62
CA GLU A 40 -4.88 -4.31 -28.55
C GLU A 40 -4.63 -2.86 -28.12
N ALA A 41 -5.55 -2.21 -27.42
CA ALA A 41 -5.36 -0.83 -26.94
C ALA A 41 -4.19 -0.79 -25.93
N ILE A 42 -4.05 -1.81 -25.11
CA ILE A 42 -2.94 -1.90 -24.08
C ILE A 42 -1.60 -2.12 -24.80
N THR A 43 -1.58 -3.01 -25.77
CA THR A 43 -0.40 -3.33 -26.59
C THR A 43 0.06 -2.06 -27.32
N ALA A 44 -0.85 -1.24 -27.86
CA ALA A 44 -0.49 -0.01 -28.58
C ALA A 44 0.20 1.00 -27.62
N ILE A 45 -0.33 1.22 -26.41
CA ILE A 45 0.24 2.16 -25.43
C ILE A 45 1.65 1.66 -25.08
N TRP A 46 1.81 0.35 -24.90
CA TRP A 46 3.10 -0.25 -24.46
C TRP A 46 4.15 -0.06 -25.58
N GLU A 47 3.78 -0.33 -26.82
CA GLU A 47 4.70 -0.14 -27.98
C GLU A 47 5.16 1.29 -28.09
N THR A 48 4.25 2.27 -27.98
CA THR A 48 4.58 3.71 -28.01
C THR A 48 5.62 4.02 -26.92
N ARG A 49 5.39 3.48 -25.71
CA ARG A 49 6.27 3.75 -24.55
C ARG A 49 7.64 3.13 -24.79
N LEU A 50 7.70 1.89 -25.24
CA LEU A 50 9.02 1.20 -25.45
C LEU A 50 9.80 1.88 -26.57
N LYS A 51 9.12 2.45 -27.57
CA LYS A 51 9.81 3.15 -28.70
C LYS A 51 10.43 4.48 -28.24
N ALA A 52 10.07 5.02 -27.07
CA ALA A 52 10.70 6.21 -26.46
C ALA A 52 11.69 5.80 -25.36
N GLN A 53 11.40 4.73 -24.63
CA GLN A 53 12.21 4.28 -23.45
C GLN A 53 12.44 2.78 -23.60
N PRO A 54 13.36 2.35 -24.51
CA PRO A 54 13.50 0.92 -24.80
C PRO A 54 14.13 0.07 -23.68
N TRP A 55 14.66 0.74 -22.63
CA TRP A 55 15.17 0.08 -21.39
C TRP A 55 14.06 -0.32 -20.41
N LEU A 56 12.81 0.06 -20.64
CA LEU A 56 11.71 -0.37 -19.72
C LEU A 56 11.44 -1.87 -19.85
N PHE A 57 11.00 -2.50 -18.77
CA PHE A 57 10.63 -3.94 -18.80
C PHE A 57 9.31 -4.14 -18.06
N ASP A 58 8.56 -5.13 -18.54
CA ASP A 58 7.30 -5.59 -17.90
C ASP A 58 7.67 -6.38 -16.64
N ALA A 59 6.70 -6.55 -15.76
CA ALA A 59 6.83 -7.43 -14.57
C ALA A 59 5.43 -7.87 -14.16
N PRO A 60 5.27 -9.13 -13.69
CA PRO A 60 3.98 -9.58 -13.16
C PRO A 60 3.72 -8.90 -11.80
N LYS A 61 2.43 -8.80 -11.49
CA LYS A 61 1.94 -8.18 -10.23
C LYS A 61 0.72 -8.98 -9.73
N PHE A 62 0.44 -8.90 -8.42
CA PHE A 62 -0.85 -9.43 -7.91
C PHE A 62 -1.96 -8.39 -8.18
N ARG A 63 -3.15 -8.87 -8.49
CA ARG A 63 -4.36 -8.04 -8.69
C ARG A 63 -5.27 -8.24 -7.45
N LEU A 64 -5.72 -7.17 -6.79
CA LEU A 64 -6.80 -7.27 -5.76
C LEU A 64 -8.18 -7.33 -6.42
N HIS A 65 -8.92 -8.42 -6.22
CA HIS A 65 -10.36 -8.49 -6.57
C HIS A 65 -11.25 -8.02 -5.41
N SER A 66 -11.01 -8.50 -4.20
CA SER A 66 -11.86 -8.20 -3.01
C SER A 66 -11.23 -8.82 -1.76
N ALA A 67 -11.70 -8.42 -0.57
CA ALA A 67 -11.16 -8.90 0.72
C ALA A 67 -12.32 -9.01 1.70
N THR A 68 -12.67 -10.22 2.17
CA THR A 68 -13.83 -10.41 3.09
C THR A 68 -13.35 -10.76 4.49
N LEU A 69 -13.72 -9.92 5.47
CA LEU A 69 -13.41 -10.18 6.89
C LEU A 69 -14.43 -11.16 7.49
N ALA A 70 -13.94 -12.07 8.34
CA ALA A 70 -14.77 -12.98 9.15
C ALA A 70 -15.65 -12.14 10.11
N PRO A 71 -16.74 -12.71 10.65
CA PRO A 71 -17.47 -12.06 11.77
C PRO A 71 -16.51 -11.74 12.93
N ILE A 72 -16.57 -10.54 13.52
CA ILE A 72 -15.59 -10.14 14.56
C ILE A 72 -15.73 -11.06 15.79
N GLY A 73 -14.58 -11.36 16.38
CA GLY A 73 -14.46 -12.16 17.61
C GLY A 73 -14.46 -13.65 17.36
N SER A 74 -14.46 -14.09 16.10
CA SER A 74 -14.53 -15.54 15.73
C SER A 74 -13.15 -16.20 15.88
N ARG A 75 -13.15 -17.53 15.94
CA ARG A 75 -11.95 -18.39 15.89
C ARG A 75 -11.63 -18.65 14.42
N GLY A 76 -10.42 -19.09 14.14
CA GLY A 76 -10.06 -19.53 12.79
C GLY A 76 -9.65 -18.34 11.93
N PRO A 77 -9.42 -18.56 10.62
CA PRO A 77 -8.94 -17.50 9.73
C PRO A 77 -9.87 -16.27 9.73
N GLN A 78 -9.26 -15.08 9.78
CA GLN A 78 -10.05 -13.84 9.98
C GLN A 78 -10.26 -13.07 8.68
N LEU A 79 -9.47 -13.32 7.63
CA LEU A 79 -9.58 -12.55 6.37
C LEU A 79 -9.39 -13.52 5.21
N LEU A 80 -10.16 -13.32 4.13
CA LEU A 80 -9.95 -13.99 2.82
C LEU A 80 -9.61 -12.90 1.78
N LEU A 81 -8.42 -12.98 1.20
CA LEU A 81 -7.95 -12.10 0.08
C LEU A 81 -8.22 -12.84 -1.22
N ARG A 82 -9.04 -12.28 -2.09
CA ARG A 82 -9.28 -12.82 -3.46
C ARG A 82 -8.36 -12.08 -4.43
N LEU A 83 -7.39 -12.81 -4.98
CA LEU A 83 -6.30 -12.22 -5.82
C LEU A 83 -6.30 -12.88 -7.21
N GLY A 84 -5.96 -12.08 -8.21
CA GLY A 84 -5.64 -12.56 -9.56
C GLY A 84 -4.25 -12.10 -9.95
N LEU A 85 -3.90 -12.23 -11.23
CA LEU A 85 -2.59 -11.74 -11.70
C LEU A 85 -2.82 -10.62 -12.71
N THR A 86 -1.89 -9.68 -12.74
CA THR A 86 -1.83 -8.55 -13.70
C THR A 86 -0.35 -8.26 -14.01
N SER A 87 -0.06 -7.05 -14.49
CA SER A 87 1.30 -6.68 -14.94
C SER A 87 1.45 -5.18 -14.94
N TYR A 88 2.70 -4.73 -14.99
CA TYR A 88 3.09 -3.30 -15.11
C TYR A 88 2.64 -2.71 -16.46
N ARG A 89 2.67 -3.55 -17.52
CA ARG A 89 2.12 -3.17 -18.86
C ARG A 89 0.61 -2.96 -18.82
N ASP A 90 -0.11 -3.87 -18.18
CA ASP A 90 -1.57 -3.72 -18.10
C ASP A 90 -1.97 -2.52 -17.22
N PHE A 91 -1.24 -2.26 -16.13
CA PHE A 91 -1.43 -1.02 -15.33
C PHE A 91 -1.29 0.23 -16.23
N LEU A 92 -0.22 0.33 -17.05
CA LEU A 92 0.05 1.54 -17.87
C LEU A 92 -1.08 1.73 -18.90
N GLY A 93 -1.68 0.65 -19.37
CA GLY A 93 -2.73 0.72 -20.39
C GLY A 93 -4.15 0.87 -19.84
N THR A 94 -4.33 0.87 -18.52
CA THR A 94 -5.70 0.90 -17.90
C THR A 94 -5.74 1.96 -16.81
N ASN A 95 -5.30 1.69 -15.58
CA ASN A 95 -5.32 2.67 -14.48
C ASN A 95 -4.64 4.00 -14.83
N TRP A 96 -3.51 3.94 -15.54
CA TRP A 96 -2.66 5.11 -15.87
C TRP A 96 -3.13 5.76 -17.17
N SER A 97 -4.02 5.13 -17.94
CA SER A 97 -4.55 5.68 -19.22
C SER A 97 -5.39 6.96 -18.98
N SER A 98 -5.33 7.89 -19.94
CA SER A 98 -6.14 9.13 -19.83
C SER A 98 -7.65 8.77 -19.84
N SER A 99 -7.97 7.60 -20.38
N SER A 99 -8.04 7.63 -20.39
CA SER A 99 -9.36 7.07 -20.53
CA SER A 99 -9.47 7.21 -20.45
C SER A 99 -9.81 6.22 -19.33
C SER A 99 -9.82 6.24 -19.31
N ALA A 100 -9.04 6.20 -18.24
CA ALA A 100 -9.33 5.28 -17.10
C ALA A 100 -10.78 5.50 -16.58
N ALA A 101 -11.29 6.75 -16.52
CA ALA A 101 -12.66 6.99 -16.01
C ALA A 101 -13.67 6.34 -16.97
N TRP A 102 -13.40 6.35 -18.27
CA TRP A 102 -14.32 5.71 -19.26
C TRP A 102 -14.34 4.19 -19.03
N LEU A 103 -13.20 3.57 -18.73
CA LEU A 103 -13.13 2.13 -18.42
C LEU A 103 -13.91 1.81 -17.14
N ARG A 104 -13.87 2.68 -16.12
CA ARG A 104 -14.67 2.48 -14.87
C ARG A 104 -16.17 2.51 -15.17
N GLN A 105 -16.64 3.50 -15.97
CA GLN A 105 -18.08 3.57 -16.37
C GLN A 105 -18.52 2.31 -17.16
N GLN A 106 -17.68 1.88 -18.10
N GLN A 106 -17.70 1.86 -18.11
CA GLN A 106 -17.97 0.68 -18.94
CA GLN A 106 -18.01 0.68 -18.95
C GLN A 106 -18.05 -0.57 -18.07
C GLN A 106 -18.05 -0.59 -18.07
N GLY A 107 -17.17 -0.69 -17.07
CA GLY A 107 -17.19 -1.85 -16.16
C GLY A 107 -18.46 -1.88 -15.33
N ALA A 108 -18.91 -0.73 -14.83
CA ALA A 108 -20.21 -0.61 -14.15
C ALA A 108 -21.36 -1.07 -15.08
N THR A 109 -21.38 -0.60 -16.32
CA THR A 109 -22.42 -0.96 -17.34
C THR A 109 -22.41 -2.48 -17.60
N ASP A 110 -21.25 -3.05 -17.94
CA ASP A 110 -21.12 -4.41 -18.52
C ASP A 110 -21.11 -5.48 -17.41
N TRP A 111 -20.51 -5.23 -16.23
CA TRP A 111 -20.19 -6.25 -15.22
C TRP A 111 -20.74 -5.88 -13.84
N GLY A 112 -21.35 -4.69 -13.70
CA GLY A 112 -21.69 -4.11 -12.37
C GLY A 112 -20.48 -4.02 -11.46
N ASP A 113 -19.33 -3.62 -12.00
CA ASP A 113 -18.03 -3.63 -11.27
C ASP A 113 -17.17 -2.52 -11.88
N THR A 114 -17.03 -1.41 -11.18
CA THR A 114 -16.23 -0.26 -11.69
C THR A 114 -14.78 -0.67 -12.00
N GLN A 115 -14.28 -1.75 -11.36
CA GLN A 115 -12.86 -2.17 -11.54
C GLN A 115 -12.67 -3.24 -12.63
N ALA A 116 -13.73 -3.75 -13.29
CA ALA A 116 -13.66 -5.00 -14.08
C ALA A 116 -12.62 -4.87 -15.18
N TYR A 117 -12.44 -3.68 -15.76
CA TYR A 117 -11.51 -3.46 -16.90
C TYR A 117 -10.17 -2.86 -16.46
N LEU A 118 -9.92 -2.81 -15.15
CA LEU A 118 -8.68 -2.16 -14.59
C LEU A 118 -7.71 -3.21 -14.07
N ALA A 119 -6.42 -2.99 -14.34
CA ALA A 119 -5.34 -3.90 -13.87
C ALA A 119 -5.38 -4.00 -12.34
N ASP A 120 -5.45 -2.89 -11.62
CA ASP A 120 -5.54 -2.85 -10.13
C ASP A 120 -4.45 -3.68 -9.46
N PRO A 121 -3.17 -3.42 -9.79
CA PRO A 121 -2.05 -4.06 -9.05
C PRO A 121 -2.10 -3.74 -7.55
N LEU A 122 -1.83 -4.77 -6.73
CA LEU A 122 -1.82 -4.59 -5.25
C LEU A 122 -0.47 -4.00 -4.79
N GLY A 123 -0.50 -2.83 -4.16
CA GLY A 123 0.65 -2.26 -3.45
C GLY A 123 0.76 -2.71 -2.01
N VAL A 124 1.93 -2.50 -1.41
CA VAL A 124 2.13 -2.65 0.05
C VAL A 124 2.76 -1.35 0.58
N GLY A 125 2.36 -0.91 1.76
CA GLY A 125 2.98 0.24 2.46
C GLY A 125 3.12 -0.03 3.94
N ALA A 126 3.98 0.69 4.65
CA ALA A 126 4.15 0.50 6.10
C ALA A 126 4.08 1.83 6.87
N ALA A 127 3.34 1.81 7.97
CA ALA A 127 3.53 2.69 9.14
C ALA A 127 4.67 2.05 9.94
N LEU A 128 5.87 2.63 9.79
CA LEU A 128 7.11 2.06 10.38
C LEU A 128 7.46 2.91 11.62
N ALA A 129 7.40 2.33 12.83
CA ALA A 129 7.60 3.04 14.12
C ALA A 129 9.03 2.76 14.63
N THR A 130 9.69 3.76 15.18
CA THR A 130 11.02 3.67 15.82
C THR A 130 10.90 3.35 17.33
N ALA A 131 12.01 2.99 17.93
CA ALA A 131 12.07 2.63 19.38
C ALA A 131 11.70 3.86 20.23
N ASP A 132 11.98 5.08 19.75
CA ASP A 132 11.69 6.39 20.43
C ASP A 132 10.37 7.03 19.98
N ASP A 133 9.48 6.22 19.39
N ASP A 133 9.49 6.25 19.32
CA ASP A 133 8.05 6.50 19.07
CA ASP A 133 8.06 6.59 19.15
C ASP A 133 7.96 7.66 18.07
C ASP A 133 7.84 7.61 18.02
N PHE A 134 8.52 7.45 16.88
CA PHE A 134 8.26 8.28 15.66
C PHE A 134 7.81 7.34 14.54
N LEU A 135 7.04 7.86 13.59
CA LEU A 135 6.85 7.19 12.29
C LEU A 135 7.83 7.76 11.26
N VAL A 136 8.17 6.94 10.26
CA VAL A 136 9.16 7.21 9.17
C VAL A 136 8.48 7.69 7.88
N PHE A 137 8.89 8.86 7.34
CA PHE A 137 8.42 9.44 6.06
C PHE A 137 9.61 9.58 5.07
N LEU A 138 9.31 9.51 3.78
CA LEU A 138 10.30 9.62 2.66
C LEU A 138 9.82 10.67 1.67
N ARG A 139 10.74 11.48 1.15
CA ARG A 139 10.40 12.52 0.12
C ARG A 139 10.62 11.94 -1.26
N ARG A 140 9.63 12.03 -2.14
CA ARG A 140 9.72 11.53 -3.53
C ARG A 140 10.51 12.54 -4.40
N SER A 141 11.33 12.03 -5.31
CA SER A 141 11.98 12.83 -6.37
C SER A 141 10.94 13.67 -7.09
N ARG A 142 11.28 14.91 -7.46
CA ARG A 142 10.41 15.87 -8.22
C ARG A 142 10.43 15.51 -9.71
N GLN A 143 11.23 14.51 -10.11
CA GLN A 143 11.45 14.17 -11.55
C GLN A 143 10.73 12.87 -12.00
N VAL A 144 10.04 12.21 -11.08
CA VAL A 144 9.14 11.04 -11.37
C VAL A 144 7.88 11.57 -12.06
N ALA A 145 7.15 10.71 -12.77
CA ALA A 145 5.92 11.05 -13.51
C ALA A 145 4.70 11.04 -12.58
N GLU A 146 4.69 10.15 -11.58
CA GLU A 146 3.58 9.98 -10.59
C GLU A 146 3.91 10.67 -9.27
N ALA A 147 2.98 11.47 -8.75
CA ALA A 147 3.03 12.10 -7.40
C ALA A 147 4.38 12.76 -7.18
N PRO A 148 4.83 13.66 -8.08
CA PRO A 148 6.20 14.19 -8.03
C PRO A 148 6.41 15.05 -6.79
N GLY A 149 7.53 14.89 -6.07
CA GLY A 149 7.82 15.82 -4.96
C GLY A 149 6.98 15.57 -3.74
N LEU A 150 6.13 14.52 -3.70
CA LEU A 150 5.22 14.35 -2.55
C LEU A 150 5.89 13.48 -1.47
N VAL A 151 5.28 13.48 -0.29
CA VAL A 151 5.72 12.63 0.86
C VAL A 151 5.13 11.22 0.71
N ASP A 152 5.93 10.20 0.95
CA ASP A 152 5.50 8.79 0.96
C ASP A 152 5.90 8.08 2.26
N VAL A 153 5.41 6.87 2.43
CA VAL A 153 5.92 5.93 3.47
C VAL A 153 6.64 4.81 2.76
N PRO A 154 7.44 3.95 3.45
CA PRO A 154 8.08 2.82 2.76
C PRO A 154 7.08 1.84 2.12
N GLY A 155 7.41 1.32 0.94
CA GLY A 155 6.51 0.35 0.28
C GLY A 155 6.90 0.08 -1.14
N GLY A 156 6.07 -0.66 -1.86
CA GLY A 156 6.33 -1.04 -3.25
C GLY A 156 5.20 -1.91 -3.79
N HIS A 157 5.40 -2.53 -4.96
CA HIS A 157 4.34 -3.34 -5.63
C HIS A 157 4.92 -4.74 -5.83
N PRO A 158 4.64 -5.74 -4.96
CA PRO A 158 5.30 -7.05 -5.01
C PRO A 158 5.04 -7.88 -6.29
N GLU A 159 6.05 -8.66 -6.68
CA GLU A 159 6.08 -9.50 -7.91
C GLU A 159 5.91 -10.97 -7.51
N PRO A 160 4.89 -11.67 -8.04
CA PRO A 160 4.66 -13.12 -7.91
C PRO A 160 5.88 -14.03 -8.25
N GLN A 161 6.06 -15.13 -7.49
CA GLN A 161 7.32 -15.96 -7.35
C GLN A 161 8.54 -15.18 -7.82
N ASP A 173 -6.13 -22.97 0.34
CA ASP A 173 -5.03 -22.11 0.83
C ASP A 173 -3.68 -22.76 0.50
N LEU A 174 -3.60 -23.62 -0.54
CA LEU A 174 -2.40 -24.47 -0.72
C LEU A 174 -1.43 -23.88 -1.76
N ALA A 175 -1.83 -22.95 -2.61
CA ALA A 175 -0.89 -21.93 -3.15
C ALA A 175 -1.06 -20.62 -2.36
N GLY A 176 -2.23 -20.44 -1.71
CA GLY A 176 -2.65 -19.33 -0.82
C GLY A 176 -1.62 -18.93 0.23
N GLN A 177 -1.09 -19.88 0.99
CA GLN A 177 -0.25 -19.55 2.17
C GLN A 177 1.10 -19.02 1.68
N LEU A 178 1.58 -19.49 0.52
CA LEU A 178 2.85 -18.97 -0.04
C LEU A 178 2.61 -17.54 -0.53
N VAL A 179 1.44 -17.24 -1.08
CA VAL A 179 1.15 -15.86 -1.53
C VAL A 179 1.08 -14.92 -0.30
N VAL A 180 0.36 -15.30 0.75
CA VAL A 180 0.33 -14.44 1.99
C VAL A 180 1.75 -14.24 2.49
N HIS A 181 2.58 -15.30 2.55
CA HIS A 181 4.00 -15.17 2.96
C HIS A 181 4.74 -14.13 2.09
N GLU A 182 4.56 -14.17 0.76
N GLU A 182 4.53 -14.18 0.77
CA GLU A 182 5.27 -13.21 -0.15
CA GLU A 182 5.17 -13.26 -0.21
C GLU A 182 4.81 -11.78 0.15
C GLU A 182 4.80 -11.81 0.13
N LEU A 183 3.52 -11.56 0.43
CA LEU A 183 3.03 -10.18 0.74
C LEU A 183 3.72 -9.63 2.01
N PHE A 184 3.68 -10.38 3.12
CA PHE A 184 4.32 -9.98 4.40
C PHE A 184 5.85 -9.81 4.23
N SER A 185 6.50 -10.75 3.55
N SER A 185 6.52 -10.72 3.54
CA SER A 185 7.96 -10.67 3.26
CA SER A 185 7.99 -10.64 3.36
C SER A 185 8.29 -9.39 2.49
C SER A 185 8.34 -9.45 2.43
N SER A 186 7.47 -9.10 1.48
CA SER A 186 7.72 -7.98 0.54
C SER A 186 7.75 -6.65 1.31
N VAL A 187 6.90 -6.45 2.33
CA VAL A 187 6.91 -5.11 3.01
C VAL A 187 8.22 -4.99 3.83
N LEU A 188 8.73 -6.08 4.41
CA LEU A 188 10.05 -6.01 5.10
C LEU A 188 11.18 -5.78 4.09
N GLN A 189 11.18 -6.52 2.97
CA GLN A 189 12.23 -6.37 1.93
C GLN A 189 12.26 -4.91 1.45
N GLU A 190 11.10 -4.26 1.24
CA GLU A 190 11.02 -2.86 0.72
C GLU A 190 11.58 -1.90 1.78
N ILE A 191 11.38 -2.18 3.08
CA ILE A 191 12.01 -1.37 4.16
C ILE A 191 13.54 -1.55 4.10
N CYS A 192 14.02 -2.79 4.04
CA CYS A 192 15.49 -3.07 3.95
C CYS A 192 16.09 -2.39 2.72
N ASP A 193 15.45 -2.49 1.55
CA ASP A 193 16.03 -1.94 0.29
C ASP A 193 16.06 -0.42 0.29
N GLU A 194 15.03 0.28 0.76
CA GLU A 194 14.95 1.76 0.64
C GLU A 194 15.48 2.47 1.89
N VAL A 195 15.23 1.95 3.10
CA VAL A 195 15.65 2.63 4.35
C VAL A 195 17.04 2.12 4.75
N ASN A 196 17.49 0.99 4.21
CA ASN A 196 18.84 0.42 4.48
C ASN A 196 18.94 -0.10 5.92
N LEU A 197 17.85 -0.63 6.48
CA LEU A 197 17.81 -1.18 7.85
C LEU A 197 18.13 -2.66 7.81
N PRO A 198 18.84 -3.18 8.83
CA PRO A 198 18.99 -4.61 8.97
C PRO A 198 17.64 -5.29 9.21
N LEU A 199 17.40 -6.40 8.54
CA LEU A 199 16.14 -7.20 8.68
C LEU A 199 15.90 -7.57 10.14
N LEU A 200 16.96 -7.89 10.93
CA LEU A 200 16.76 -8.32 12.33
C LEU A 200 16.37 -7.18 13.26
N THR A 201 16.30 -5.93 12.80
CA THR A 201 15.79 -4.82 13.65
C THR A 201 14.27 -4.65 13.46
N LEU A 202 13.64 -5.44 12.59
CA LEU A 202 12.18 -5.30 12.26
C LEU A 202 11.30 -6.41 12.87
N SER A 203 10.12 -6.05 13.39
CA SER A 203 9.05 -6.94 13.90
C SER A 203 8.35 -7.65 12.73
N GLN A 204 7.72 -8.79 12.96
CA GLN A 204 6.79 -9.33 11.94
C GLN A 204 5.69 -8.30 11.70
N PRO A 205 5.30 -8.05 10.44
CA PRO A 205 4.26 -7.04 10.19
C PRO A 205 2.89 -7.45 10.72
N LEU A 206 2.03 -6.46 11.02
CA LEU A 206 0.59 -6.68 11.18
C LEU A 206 -0.15 -5.96 10.05
N LEU A 207 -1.13 -6.62 9.41
CA LEU A 207 -1.98 -5.94 8.42
C LEU A 207 -2.98 -5.02 9.12
N LEU A 208 -2.93 -3.71 8.80
CA LEU A 208 -3.89 -2.72 9.38
C LEU A 208 -5.17 -2.65 8.56
N GLY A 209 -5.10 -2.77 7.23
CA GLY A 209 -6.25 -2.64 6.32
C GLY A 209 -5.82 -2.47 4.88
N ILE A 210 -6.77 -2.08 4.05
CA ILE A 210 -6.55 -1.86 2.60
C ILE A 210 -7.19 -0.51 2.24
N ALA A 211 -6.44 0.32 1.49
CA ALA A 211 -6.85 1.67 1.06
C ALA A 211 -6.80 1.73 -0.46
N ARG A 212 -7.74 2.44 -1.09
CA ARG A 212 -7.77 2.67 -2.55
C ARG A 212 -7.37 4.12 -2.87
N ASN A 213 -6.62 4.31 -3.96
CA ASN A 213 -6.10 5.59 -4.53
C ASN A 213 -7.07 5.97 -5.65
N GLU A 214 -8.00 6.87 -5.39
CA GLU A 214 -9.02 7.30 -6.38
C GLU A 214 -8.36 8.19 -7.47
N THR A 215 -7.17 8.73 -7.24
CA THR A 215 -6.40 9.48 -8.27
C THR A 215 -5.76 8.52 -9.30
N SER A 216 -5.63 7.24 -8.97
CA SER A 216 -5.13 6.20 -9.89
C SER A 216 -6.23 5.15 -10.18
N ALA A 217 -7.49 5.61 -10.37
CA ALA A 217 -8.66 4.82 -10.86
C ALA A 217 -8.96 3.67 -9.90
N GLY A 218 -8.62 3.84 -8.63
CA GLY A 218 -9.08 2.95 -7.56
C GLY A 218 -8.16 1.80 -7.23
N ARG A 219 -6.93 1.78 -7.74
CA ARG A 219 -5.99 0.70 -7.36
C ARG A 219 -5.79 0.73 -5.84
N ALA A 220 -5.53 -0.44 -5.25
CA ALA A 220 -5.49 -0.62 -3.79
C ALA A 220 -4.06 -0.94 -3.30
N SER A 221 -3.80 -0.60 -2.06
CA SER A 221 -2.58 -0.98 -1.33
C SER A 221 -2.92 -1.56 0.04
N ALA A 222 -2.33 -2.69 0.39
CA ALA A 222 -2.35 -3.27 1.75
C ALA A 222 -1.42 -2.45 2.65
N GLU A 223 -1.91 -1.94 3.78
CA GLU A 223 -1.15 -1.08 4.70
C GLU A 223 -0.83 -1.83 6.00
N PHE A 224 0.45 -1.88 6.38
CA PHE A 224 0.97 -2.71 7.50
C PHE A 224 1.58 -1.83 8.61
N TYR A 225 1.64 -2.35 9.83
CA TYR A 225 2.40 -1.74 10.96
C TYR A 225 3.66 -2.60 11.19
N VAL A 226 4.81 -1.96 11.25
CA VAL A 226 6.11 -2.59 11.51
C VAL A 226 6.80 -1.75 12.59
N GLN A 227 7.33 -2.42 13.61
N GLN A 227 7.30 -2.41 13.64
CA GLN A 227 8.12 -1.77 14.69
CA GLN A 227 8.11 -1.76 14.70
C GLN A 227 9.60 -2.03 14.42
C GLN A 227 9.58 -2.02 14.41
N CYS A 228 10.44 -1.02 14.66
CA CYS A 228 11.93 -1.14 14.52
C CYS A 228 12.53 -0.97 15.91
N SER A 229 13.58 -1.74 16.21
CA SER A 229 14.28 -1.68 17.53
C SER A 229 15.28 -0.51 17.57
N LEU A 230 15.51 0.18 16.44
CA LEU A 230 16.41 1.35 16.38
C LEU A 230 15.64 2.66 16.68
N THR A 231 16.33 3.62 17.26
CA THR A 231 15.85 5.01 17.40
C THR A 231 15.82 5.75 16.05
N SER A 232 15.07 6.84 15.99
CA SER A 232 15.01 7.77 14.83
C SER A 232 16.45 8.18 14.40
N GLU A 233 17.32 8.53 15.35
CA GLU A 233 18.71 8.93 14.99
C GLU A 233 19.44 7.77 14.29
N GLN A 234 19.32 6.53 14.81
CA GLN A 234 19.98 5.35 14.22
C GLN A 234 19.36 5.04 12.83
N VAL A 235 18.01 5.16 12.67
CA VAL A 235 17.37 4.94 11.34
C VAL A 235 17.92 5.94 10.31
N ARG A 236 18.01 7.20 10.70
CA ARG A 236 18.55 8.30 9.83
C ARG A 236 19.97 7.93 9.38
N LYS A 237 20.81 7.52 10.31
CA LYS A 237 22.23 7.17 9.99
C LYS A 237 22.26 6.03 8.97
N HIS A 238 21.45 4.96 9.15
CA HIS A 238 21.43 3.80 8.21
C HIS A 238 21.00 4.27 6.81
N TYR A 239 19.90 5.01 6.69
CA TYR A 239 19.40 5.56 5.43
C TYR A 239 20.52 6.35 4.73
N LEU A 240 21.12 7.30 5.46
CA LEU A 240 22.08 8.25 4.80
C LEU A 240 23.35 7.51 4.41
N SER A 241 23.76 6.51 5.20
CA SER A 241 25.06 5.80 5.05
C SER A 241 25.07 5.00 3.74
N GLY A 242 23.90 4.82 3.12
CA GLY A 242 23.82 4.20 1.77
C GLY A 242 24.33 5.13 0.67
N GLY A 243 24.20 6.43 0.86
CA GLY A 243 24.56 7.41 -0.20
C GLY A 243 23.41 7.57 -1.18
N PRO A 244 23.46 8.57 -2.08
CA PRO A 244 22.32 8.86 -2.94
C PRO A 244 21.83 7.72 -3.86
N GLU A 245 22.69 6.79 -4.24
CA GLU A 245 22.32 5.65 -5.14
C GLU A 245 21.67 4.49 -4.35
N ALA A 246 21.66 4.51 -3.02
CA ALA A 246 21.10 3.41 -2.21
C ALA A 246 19.58 3.58 -2.02
N HIS A 247 19.01 4.72 -2.43
CA HIS A 247 17.55 4.97 -2.25
C HIS A 247 16.94 5.72 -3.46
N GLU A 248 15.66 5.48 -3.76
CA GLU A 248 14.90 6.20 -4.83
C GLU A 248 14.40 7.55 -4.28
N SER A 249 14.07 7.59 -2.98
CA SER A 249 13.64 8.85 -2.33
C SER A 249 14.82 9.86 -2.29
N THR A 250 14.55 11.13 -1.98
CA THR A 250 15.57 12.19 -1.88
C THR A 250 15.82 12.66 -0.44
N GLY A 251 15.08 12.13 0.53
CA GLY A 251 15.24 12.51 1.95
C GLY A 251 14.36 11.63 2.82
N ILE A 252 14.69 11.58 4.11
CA ILE A 252 13.97 10.86 5.20
C ILE A 252 13.62 11.90 6.27
N PHE A 253 12.51 11.72 6.96
CA PHE A 253 12.17 12.50 8.16
C PHE A 253 11.19 11.75 9.08
N PHE A 254 10.94 12.27 10.27
CA PHE A 254 10.25 11.55 11.38
C PHE A 254 9.21 12.46 12.03
N VAL A 255 8.02 11.92 12.34
CA VAL A 255 6.96 12.64 13.10
C VAL A 255 6.61 11.82 14.35
N GLU A 256 6.58 12.46 15.51
CA GLU A 256 6.25 11.75 16.77
C GLU A 256 4.88 11.08 16.58
N THR A 257 4.69 9.85 17.12
CA THR A 257 3.37 9.19 17.07
C THR A 257 2.31 10.06 17.77
N GLN A 258 2.71 10.81 18.81
CA GLN A 258 1.83 11.80 19.47
C GLN A 258 1.17 12.73 18.44
N ASN A 259 1.93 13.17 17.45
CA ASN A 259 1.55 14.24 16.48
C ASN A 259 0.90 13.63 15.22
N VAL A 260 1.06 12.33 14.98
CA VAL A 260 0.38 11.67 13.80
C VAL A 260 -1.15 11.71 13.97
N ARG A 261 -1.63 11.64 15.22
CA ARG A 261 -3.06 11.73 15.55
C ARG A 261 -3.72 12.90 14.80
N ARG A 262 -3.10 14.11 14.77
CA ARG A 262 -3.74 15.30 14.14
C ARG A 262 -3.10 15.64 12.79
N LEU A 263 -2.34 14.73 12.18
CA LEU A 263 -1.68 15.04 10.89
C LEU A 263 -2.66 15.57 9.82
N PRO A 264 -3.90 15.07 9.69
CA PRO A 264 -4.82 15.60 8.68
C PRO A 264 -5.17 17.10 8.84
N GLU A 265 -4.86 17.67 9.99
CA GLU A 265 -5.08 19.13 10.26
C GLU A 265 -3.83 19.96 9.97
N THR A 266 -2.71 19.36 9.56
CA THR A 266 -1.41 20.03 9.35
C THR A 266 -1.24 20.40 7.86
N GLU A 267 -0.29 21.27 7.54
CA GLU A 267 0.13 21.61 6.15
C GLU A 267 0.83 20.40 5.51
N MET A 268 1.32 19.42 6.29
CA MET A 268 2.01 18.21 5.73
C MET A 268 0.95 17.42 4.91
N TRP A 269 -0.31 17.46 5.31
CA TRP A 269 -1.35 16.53 4.75
C TRP A 269 -1.46 16.74 3.25
N ALA A 270 -1.43 18.00 2.79
CA ALA A 270 -1.55 18.32 1.34
C ALA A 270 -0.32 17.82 0.56
N GLU A 271 0.79 17.52 1.21
CA GLU A 271 2.02 17.02 0.55
C GLU A 271 2.05 15.48 0.53
N LEU A 272 1.17 14.79 1.23
CA LEU A 272 1.19 13.30 1.29
C LEU A 272 0.53 12.70 0.05
N CYS A 273 1.18 11.77 -0.60
CA CYS A 273 0.55 10.97 -1.68
C CYS A 273 -0.58 10.10 -1.13
N PRO A 274 -1.58 9.75 -1.97
CA PRO A 274 -2.77 9.04 -1.51
C PRO A 274 -2.49 7.74 -0.73
N SER A 275 -1.55 6.90 -1.16
CA SER A 275 -1.26 5.61 -0.49
C SER A 275 -0.66 5.89 0.90
N ALA A 276 0.17 6.92 1.06
CA ALA A 276 0.68 7.32 2.41
C ALA A 276 -0.48 7.85 3.29
N LYS A 277 -1.42 8.64 2.75
CA LYS A 277 -2.62 9.05 3.52
C LYS A 277 -3.36 7.81 4.02
N GLY A 278 -3.51 6.78 3.15
CA GLY A 278 -4.17 5.52 3.59
C GLY A 278 -3.46 4.86 4.77
N ALA A 279 -2.13 4.76 4.73
CA ALA A 279 -1.31 4.20 5.83
C ALA A 279 -1.57 4.96 7.14
N ILE A 280 -1.61 6.29 7.08
CA ILE A 280 -1.73 7.10 8.31
C ILE A 280 -3.15 7.03 8.86
N ILE A 281 -4.16 7.09 7.99
CA ILE A 281 -5.58 6.94 8.45
C ILE A 281 -5.74 5.59 9.17
N LEU A 282 -5.27 4.52 8.53
CA LEU A 282 -5.39 3.16 9.14
C LEU A 282 -4.54 3.04 10.42
N TYR A 283 -3.32 3.57 10.50
CA TYR A 283 -2.54 3.61 11.75
C TYR A 283 -3.39 4.28 12.84
N ASN A 284 -3.94 5.45 12.55
CA ASN A 284 -4.70 6.21 13.58
C ASN A 284 -5.94 5.42 14.05
N ARG A 285 -6.62 4.71 13.16
CA ARG A 285 -7.88 4.01 13.54
C ARG A 285 -7.61 2.67 14.22
N VAL A 286 -6.56 1.97 13.85
CA VAL A 286 -6.30 0.56 14.24
C VAL A 286 -5.27 0.47 15.36
N GLN A 287 -4.13 1.17 15.28
CA GLN A 287 -3.10 1.15 16.37
C GLN A 287 -3.40 2.28 17.37
N GLY A 288 -3.74 3.47 16.91
CA GLY A 288 -4.23 4.53 17.81
C GLY A 288 -5.69 4.24 18.19
N SER A 289 -6.43 5.26 18.60
CA SER A 289 -7.87 5.18 18.95
C SER A 289 -8.10 4.08 20.00
N PRO A 290 -7.59 4.26 21.25
CA PRO A 290 -7.70 3.23 22.29
C PRO A 290 -9.16 2.99 22.74
N THR A 291 -9.49 1.78 23.20
CA THR A 291 -10.89 1.41 23.54
C THR A 291 -11.05 1.21 25.05
N GLY A 292 -9.96 1.13 25.83
CA GLY A 292 -9.99 0.75 27.24
C GLY A 292 -9.93 1.97 28.16
N ALA A 293 -10.20 1.77 29.44
CA ALA A 293 -10.31 2.88 30.44
C ALA A 293 -8.96 3.57 30.66
N ALA A 294 -7.85 2.83 30.76
CA ALA A 294 -6.53 3.41 31.06
C ALA A 294 -6.07 4.34 29.93
N LEU A 295 -5.89 3.82 28.70
CA LEU A 295 -5.36 4.64 27.56
C LEU A 295 -6.38 5.68 27.11
N GLY A 296 -7.68 5.46 27.42
CA GLY A 296 -8.79 6.38 27.09
C GLY A 296 -8.97 7.51 28.10
N SER A 297 -8.27 7.48 29.24
CA SER A 297 -8.35 8.52 30.30
C SER A 297 -7.89 9.87 29.74
N PRO A 298 -8.49 11.05 30.11
CA PRO A 298 -8.16 12.34 29.49
C PRO A 298 -6.66 12.76 29.49
N ALA A 299 -5.90 12.45 30.53
CA ALA A 299 -4.45 12.86 30.56
C ALA A 299 -3.66 12.08 29.49
N LEU A 300 -4.04 10.83 29.17
CA LEU A 300 -3.36 10.02 28.10
C LEU A 300 -4.03 10.21 26.72
N LEU A 301 -5.31 10.58 26.63
CA LEU A 301 -5.99 10.84 25.33
C LEU A 301 -6.61 12.22 25.41
N PRO A 302 -5.80 13.27 25.24
CA PRO A 302 -6.28 14.65 25.45
C PRO A 302 -7.42 14.99 24.50
N PRO A 303 -8.54 15.57 24.99
CA PRO A 303 -9.65 15.96 24.12
C PRO A 303 -9.27 16.97 23.04
N LEU A 304 -9.70 16.74 21.79
CA LEU A 304 -9.79 17.72 20.68
C LEU A 304 -8.80 17.41 19.55
#